data_3AVM
#
_entry.id   3AVM
#
_cell.length_a   70.768
_cell.length_b   70.768
_cell.length_c   67.279
_cell.angle_alpha   90.000
_cell.angle_beta   90.000
_cell.angle_gamma   120.000
#
_symmetry.space_group_name_H-M   'P 31'
#
loop_
_entity.id
_entity.type
_entity.pdbx_description
1 polymer Integrase
2 polymer 'LEDGF peptide'
3 non-polymer 'SULFATE ION'
4 non-polymer 'CHLORIDE ION'
5 non-polymer 'ACETIC ACID'
6 water water
#
loop_
_entity_poly.entity_id
_entity_poly.type
_entity_poly.pdbx_seq_one_letter_code
_entity_poly.pdbx_strand_id
1 'polypeptide(L)'
;MGSSHHHHHHSSGLVPRGSHMHGQVDSSPGIWQLDCTHLEGKVILVAVHVASGYIEAEVIPAETGQETAYFLLKLAGRWP
VKTVHTDNGSNFTSTTVKAACWWAGIKQEDGIPYNPQSQGVIESMNKELKKIIGQVRDQAEHLKTAVQMAVFIHNHKRKG
GIGGYSAGERIVDIIATDIQTKE
;
A,B
2 'polypeptide(L)' SRKIDNLD D,F
#
loop_
_chem_comp.id
_chem_comp.type
_chem_comp.name
_chem_comp.formula
ACY non-polymer 'ACETIC ACID' 'C2 H4 O2'
CL non-polymer 'CHLORIDE ION' 'Cl -1'
SO4 non-polymer 'SULFATE ION' 'O4 S -2'
#
# COMPACT_ATOMS: atom_id res chain seq x y z
N SER A 28 -12.26 14.24 -9.91
CA SER A 28 -11.30 13.28 -10.59
C SER A 28 -9.85 12.94 -10.01
N PRO A 29 -9.17 13.85 -9.25
CA PRO A 29 -8.03 13.28 -8.50
C PRO A 29 -8.40 12.16 -7.49
N GLY A 30 -9.64 12.17 -7.00
CA GLY A 30 -10.04 11.24 -5.92
C GLY A 30 -10.74 9.96 -6.45
N ILE A 31 -10.79 9.72 -7.76
CA ILE A 31 -11.68 8.63 -8.28
C ILE A 31 -10.91 7.36 -8.64
N TRP A 32 -11.32 6.21 -8.07
CA TRP A 32 -10.66 4.95 -8.30
C TRP A 32 -11.77 3.94 -8.75
N GLN A 33 -11.31 2.89 -9.43
CA GLN A 33 -12.16 1.81 -10.00
CA GLN A 33 -12.19 1.83 -9.96
C GLN A 33 -11.60 0.49 -9.49
N LEU A 34 -12.44 -0.35 -8.92
CA LEU A 34 -11.97 -1.68 -8.50
C LEU A 34 -12.06 -2.63 -9.68
N ASP A 35 -11.25 -3.67 -9.69
CA ASP A 35 -11.25 -4.59 -10.88
C ASP A 35 -10.81 -5.92 -10.32
N CYS A 36 -11.45 -7.03 -10.69
CA CYS A 36 -11.10 -8.31 -10.05
C CYS A 36 -10.74 -9.24 -11.26
N THR A 37 -9.59 -9.86 -11.26
CA THR A 37 -9.21 -10.77 -12.39
C THR A 37 -8.72 -12.09 -11.76
N HIS A 38 -8.63 -13.20 -12.51
CA HIS A 38 -8.30 -14.51 -11.96
C HIS A 38 -7.04 -15.07 -12.62
N LEU A 39 -6.26 -15.82 -11.88
CA LEU A 39 -5.06 -16.41 -12.43
C LEU A 39 -4.72 -17.51 -11.49
N GLU A 40 -4.34 -18.67 -12.01
CA GLU A 40 -3.83 -19.74 -11.10
C GLU A 40 -4.81 -20.17 -10.03
N GLY A 41 -6.12 -20.12 -10.37
CA GLY A 41 -7.17 -20.51 -9.43
C GLY A 41 -7.25 -19.52 -8.28
N LYS A 42 -6.63 -18.35 -8.46
CA LYS A 42 -6.71 -17.35 -7.39
C LYS A 42 -7.26 -16.05 -7.98
N VAL A 43 -7.48 -15.08 -7.13
CA VAL A 43 -8.12 -13.86 -7.49
C VAL A 43 -7.14 -12.70 -7.25
N ILE A 44 -7.03 -11.80 -8.23
CA ILE A 44 -6.17 -10.63 -8.06
C ILE A 44 -7.17 -9.46 -8.00
N LEU A 45 -7.22 -8.75 -6.86
CA LEU A 45 -8.04 -7.57 -6.75
C LEU A 45 -7.19 -6.34 -7.05
N VAL A 46 -7.67 -5.45 -7.94
CA VAL A 46 -6.93 -4.28 -8.38
C VAL A 46 -7.75 -3.03 -8.11
N ALA A 47 -7.09 -1.95 -7.69
CA ALA A 47 -7.68 -0.67 -7.69
C ALA A 47 -6.94 0.18 -8.68
N VAL A 48 -7.70 0.85 -9.58
CA VAL A 48 -7.08 1.74 -10.57
C VAL A 48 -7.48 3.19 -10.31
N HIS A 49 -6.47 4.06 -10.23
CA HIS A 49 -6.69 5.46 -10.19
C HIS A 49 -6.95 5.93 -11.62
N VAL A 50 -8.21 6.27 -11.89
CA VAL A 50 -8.71 6.35 -13.31
C VAL A 50 -7.95 7.42 -14.12
N ALA A 51 -7.73 8.58 -13.52
CA ALA A 51 -7.09 9.69 -14.29
C ALA A 51 -5.62 9.41 -14.61
N SER A 52 -4.92 8.58 -13.82
CA SER A 52 -3.49 8.29 -14.07
C SER A 52 -3.16 6.91 -14.61
N GLY A 53 -4.03 5.95 -14.39
CA GLY A 53 -3.72 4.52 -14.65
C GLY A 53 -2.86 3.86 -13.57
N TYR A 54 -2.59 4.57 -12.49
CA TYR A 54 -1.75 3.96 -11.41
C TYR A 54 -2.57 2.88 -10.74
N ILE A 55 -1.93 1.83 -10.28
CA ILE A 55 -2.65 0.75 -9.62
C ILE A 55 -2.05 0.29 -8.29
N GLU A 56 -2.92 -0.31 -7.46
CA GLU A 56 -2.49 -1.12 -6.33
C GLU A 56 -3.20 -2.48 -6.50
N ALA A 57 -2.63 -3.57 -6.00
CA ALA A 57 -3.27 -4.85 -6.23
C ALA A 57 -2.89 -5.81 -5.11
N GLU A 58 -3.69 -6.89 -4.93
CA GLU A 58 -3.34 -7.92 -3.98
CA GLU A 58 -3.32 -7.91 -3.98
C GLU A 58 -3.86 -9.24 -4.48
N VAL A 59 -3.30 -10.32 -4.00
CA VAL A 59 -3.86 -11.65 -4.32
C VAL A 59 -4.68 -12.08 -3.09
N ILE A 60 -5.89 -12.62 -3.30
CA ILE A 60 -6.77 -13.20 -2.23
C ILE A 60 -7.34 -14.55 -2.72
N PRO A 61 -7.76 -15.48 -1.81
CA PRO A 61 -8.20 -16.80 -2.27
C PRO A 61 -9.49 -16.67 -3.05
N ALA A 62 -10.34 -15.72 -2.62
CA ALA A 62 -11.62 -15.47 -3.32
C ALA A 62 -12.09 -14.05 -3.03
N GLU A 63 -12.95 -13.49 -3.89
CA GLU A 63 -13.39 -12.12 -3.64
C GLU A 63 -14.54 -12.19 -2.65
N THR A 64 -14.38 -11.68 -1.42
CA THR A 64 -15.52 -11.63 -0.49
C THR A 64 -15.66 -10.17 -0.14
N GLY A 65 -16.81 -9.79 0.46
CA GLY A 65 -16.99 -8.43 0.94
C GLY A 65 -15.93 -8.08 2.01
N GLN A 66 -15.62 -9.00 2.93
CA GLN A 66 -14.60 -8.69 3.93
C GLN A 66 -13.22 -8.42 3.30
N GLU A 67 -12.82 -9.21 2.31
CA GLU A 67 -11.48 -8.97 1.64
C GLU A 67 -11.53 -7.65 0.90
N THR A 68 -12.66 -7.38 0.22
CA THR A 68 -12.73 -6.11 -0.51
C THR A 68 -12.71 -4.88 0.41
N ALA A 69 -13.40 -4.99 1.52
CA ALA A 69 -13.50 -3.92 2.52
C ALA A 69 -12.11 -3.62 3.07
N TYR A 70 -11.37 -4.69 3.35
CA TYR A 70 -10.01 -4.49 3.97
C TYR A 70 -9.10 -3.84 2.95
N PHE A 71 -9.18 -4.30 1.69
CA PHE A 71 -8.32 -3.72 0.64
C PHE A 71 -8.65 -2.23 0.47
N LEU A 72 -9.94 -1.84 0.54
CA LEU A 72 -10.28 -0.42 0.37
C LEU A 72 -9.80 0.44 1.58
N LEU A 73 -9.84 -0.15 2.80
CA LEU A 73 -9.35 0.55 4.03
C LEU A 73 -7.88 0.82 3.79
N LYS A 74 -7.15 -0.20 3.33
CA LYS A 74 -5.70 -0.01 3.02
CA LYS A 74 -5.70 0.01 3.04
C LYS A 74 -5.47 1.09 1.99
N LEU A 75 -6.18 1.02 0.87
CA LEU A 75 -5.97 2.02 -0.21
C LEU A 75 -6.24 3.45 0.34
N ALA A 76 -7.35 3.64 1.04
CA ALA A 76 -7.78 4.97 1.47
C ALA A 76 -6.89 5.56 2.59
N GLY A 77 -6.17 4.69 3.35
CA GLY A 77 -5.11 5.22 4.31
C GLY A 77 -3.87 5.69 3.56
N ARG A 78 -3.68 5.27 2.29
CA ARG A 78 -2.46 5.58 1.49
C ARG A 78 -2.62 6.71 0.47
N TRP A 79 -3.81 6.88 -0.13
CA TRP A 79 -4.08 7.94 -1.11
C TRP A 79 -5.41 8.56 -0.76
N PRO A 80 -5.68 9.81 -1.22
CA PRO A 80 -6.96 10.47 -0.86
C PRO A 80 -8.11 9.98 -1.72
N VAL A 81 -8.73 8.88 -1.30
CA VAL A 81 -9.73 8.19 -2.10
C VAL A 81 -11.10 8.89 -1.82
N LYS A 82 -11.68 9.54 -2.83
CA LYS A 82 -12.98 10.20 -2.63
C LYS A 82 -14.13 9.29 -3.09
N THR A 83 -13.96 8.60 -4.23
CA THR A 83 -15.03 7.79 -4.80
C THR A 83 -14.47 6.48 -5.27
N VAL A 84 -15.17 5.38 -5.01
CA VAL A 84 -14.72 4.10 -5.63
CA VAL A 84 -14.75 4.10 -5.56
C VAL A 84 -15.88 3.55 -6.43
N HIS A 85 -15.57 3.29 -7.70
CA HIS A 85 -16.52 2.50 -8.57
C HIS A 85 -16.28 1.05 -8.33
N THR A 86 -17.26 0.38 -7.74
CA THR A 86 -17.09 -1.02 -7.34
CA THR A 86 -17.08 -0.98 -7.33
C THR A 86 -17.05 -1.88 -8.62
N ASP A 87 -16.46 -3.08 -8.52
CA ASP A 87 -16.19 -3.94 -9.72
C ASP A 87 -17.40 -4.82 -10.07
N ASN A 88 -18.39 -4.97 -9.15
CA ASN A 88 -19.59 -5.85 -9.47
C ASN A 88 -20.68 -5.48 -8.43
N GLY A 89 -21.85 -6.04 -8.62
CA GLY A 89 -22.99 -5.74 -7.77
C GLY A 89 -22.88 -6.37 -6.41
N SER A 90 -22.15 -7.46 -6.24
CA SER A 90 -22.09 -8.10 -4.90
C SER A 90 -21.25 -7.16 -3.96
N ASN A 91 -20.10 -6.64 -4.46
CA ASN A 91 -19.31 -5.64 -3.64
C ASN A 91 -20.08 -4.34 -3.50
N PHE A 92 -20.87 -4.00 -4.50
CA PHE A 92 -21.67 -2.76 -4.33
C PHE A 92 -22.69 -2.97 -3.17
N THR A 93 -23.35 -4.15 -3.16
CA THR A 93 -24.41 -4.46 -2.17
C THR A 93 -23.79 -4.69 -0.76
N SER A 94 -22.64 -5.33 -0.72
CA SER A 94 -22.05 -5.87 0.50
C SER A 94 -22.08 -4.84 1.68
N THR A 95 -22.66 -5.21 2.80
N THR A 95 -22.67 -5.21 2.83
CA THR A 95 -22.74 -4.19 3.86
CA THR A 95 -22.73 -4.25 3.94
C THR A 95 -21.34 -4.00 4.50
C THR A 95 -21.32 -4.00 4.53
N THR A 96 -20.47 -5.02 4.48
CA THR A 96 -19.11 -4.82 4.98
CA THR A 96 -19.06 -4.91 4.94
C THR A 96 -18.32 -3.87 4.10
N VAL A 97 -18.47 -3.97 2.76
CA VAL A 97 -17.84 -3.02 1.91
C VAL A 97 -18.45 -1.63 2.20
N LYS A 98 -19.77 -1.52 2.35
CA LYS A 98 -20.31 -0.19 2.69
C LYS A 98 -19.81 0.37 4.04
N ALA A 99 -19.64 -0.50 5.02
CA ALA A 99 -19.09 -0.10 6.33
C ALA A 99 -17.63 0.42 6.18
N ALA A 100 -16.81 -0.23 5.35
CA ALA A 100 -15.45 0.30 5.16
C ALA A 100 -15.48 1.60 4.45
N CYS A 101 -16.37 1.75 3.45
CA CYS A 101 -16.41 3.02 2.72
C CYS A 101 -16.87 4.19 3.69
N TRP A 102 -17.85 3.86 4.54
CA TRP A 102 -18.30 4.81 5.56
C TRP A 102 -17.10 5.13 6.46
N TRP A 103 -16.40 4.11 6.95
CA TRP A 103 -15.29 4.37 7.89
C TRP A 103 -14.26 5.29 7.31
N ALA A 104 -13.86 4.98 6.07
CA ALA A 104 -12.73 5.72 5.42
C ALA A 104 -13.19 6.97 4.66
N GLY A 105 -14.50 7.32 4.74
CA GLY A 105 -14.96 8.52 4.05
C GLY A 105 -15.02 8.41 2.50
N ILE A 106 -15.28 7.21 2.01
CA ILE A 106 -15.33 6.99 0.58
C ILE A 106 -16.79 6.96 0.13
N LYS A 107 -17.08 7.62 -0.99
CA LYS A 107 -18.38 7.50 -1.63
CA LYS A 107 -18.37 7.52 -1.69
C LYS A 107 -18.36 6.24 -2.50
N GLN A 108 -19.23 5.30 -2.21
CA GLN A 108 -19.23 4.05 -2.96
C GLN A 108 -20.19 4.17 -4.09
N GLU A 109 -19.75 3.89 -5.31
CA GLU A 109 -20.62 4.01 -6.46
C GLU A 109 -20.66 2.69 -7.26
N ASP A 110 -21.59 2.57 -8.18
CA ASP A 110 -21.55 1.41 -9.09
C ASP A 110 -20.44 1.54 -10.14
N GLY A 111 -20.29 0.56 -11.02
CA GLY A 111 -19.16 0.59 -11.99
C GLY A 111 -19.70 0.42 -13.41
N ILE A 112 -20.95 0.82 -13.56
CA ILE A 112 -21.65 0.76 -14.86
CA ILE A 112 -21.59 0.72 -14.88
C ILE A 112 -20.81 1.55 -15.91
N PRO A 113 -20.45 0.91 -17.05
CA PRO A 113 -19.61 1.70 -17.93
C PRO A 113 -20.54 2.56 -18.82
N TYR A 114 -21.07 3.65 -18.27
CA TYR A 114 -21.90 4.58 -19.05
C TYR A 114 -21.03 5.08 -20.19
N ASN A 115 -19.71 5.11 -19.95
CA ASN A 115 -18.79 5.31 -21.04
C ASN A 115 -18.25 3.95 -21.46
N PRO A 116 -18.64 3.46 -22.67
CA PRO A 116 -18.31 2.06 -23.07
C PRO A 116 -16.77 1.86 -23.17
N GLN A 117 -16.05 2.97 -23.39
CA GLN A 117 -14.58 2.93 -23.34
C GLN A 117 -14.00 2.42 -21.99
N SER A 118 -14.71 2.62 -20.86
CA SER A 118 -14.32 2.06 -19.53
C SER A 118 -14.10 0.56 -19.58
N GLN A 119 -15.12 -0.20 -20.02
CA GLN A 119 -14.98 -1.64 -20.29
C GLN A 119 -13.62 -2.00 -20.94
N GLY A 120 -13.31 -1.37 -22.09
CA GLY A 120 -12.12 -1.72 -22.91
C GLY A 120 -10.82 -1.40 -22.19
N VAL A 121 -10.80 -0.28 -21.46
CA VAL A 121 -9.61 0.16 -20.74
C VAL A 121 -9.29 -0.93 -19.66
N ILE A 122 -10.30 -1.39 -18.92
CA ILE A 122 -10.05 -2.40 -17.86
C ILE A 122 -9.57 -3.75 -18.43
N GLU A 123 -10.18 -4.16 -19.54
CA GLU A 123 -9.83 -5.47 -20.16
C GLU A 123 -8.40 -5.36 -20.63
N SER A 124 -8.03 -4.23 -21.22
CA SER A 124 -6.66 -4.08 -21.71
C SER A 124 -5.73 -4.04 -20.54
N MET A 125 -6.12 -3.37 -19.45
CA MET A 125 -5.25 -3.44 -18.26
C MET A 125 -5.05 -4.87 -17.75
N ASN A 126 -6.11 -5.67 -17.69
CA ASN A 126 -5.95 -7.02 -17.14
C ASN A 126 -5.06 -7.84 -18.02
N LYS A 127 -5.26 -7.72 -19.34
CA LYS A 127 -4.36 -8.46 -20.26
C LYS A 127 -2.89 -7.98 -20.15
N GLU A 128 -2.65 -6.67 -20.04
CA GLU A 128 -1.25 -6.19 -19.78
C GLU A 128 -0.67 -6.70 -18.44
N LEU A 129 -1.46 -6.62 -17.37
N LEU A 129 -1.48 -6.62 -17.39
CA LEU A 129 -0.95 -7.17 -16.08
CA LEU A 129 -1.07 -7.13 -16.07
C LEU A 129 -0.64 -8.63 -16.17
C LEU A 129 -0.69 -8.60 -16.14
N LYS A 130 -1.54 -9.41 -16.79
CA LYS A 130 -1.21 -10.80 -16.93
C LYS A 130 0.03 -11.08 -17.78
N LYS A 131 0.23 -10.25 -18.78
CA LYS A 131 1.44 -10.43 -19.59
C LYS A 131 2.68 -10.20 -18.69
N ILE A 132 2.65 -9.14 -17.89
CA ILE A 132 3.82 -8.80 -17.06
C ILE A 132 4.03 -9.92 -16.07
N ILE A 133 2.91 -10.38 -15.48
CA ILE A 133 3.06 -11.41 -14.49
C ILE A 133 3.76 -12.68 -15.13
N GLY A 134 3.39 -13.00 -16.40
CA GLY A 134 4.04 -14.13 -17.09
C GLY A 134 5.51 -13.84 -17.35
N GLN A 135 5.87 -12.59 -17.61
CA GLN A 135 7.30 -12.24 -17.79
C GLN A 135 8.14 -12.34 -16.51
N VAL A 136 7.50 -12.23 -15.34
CA VAL A 136 8.27 -12.33 -14.07
C VAL A 136 8.03 -13.61 -13.38
N ARG A 137 7.09 -14.41 -13.93
CA ARG A 137 6.48 -15.45 -13.10
C ARG A 137 7.48 -16.46 -12.57
N ASP A 138 8.51 -16.75 -13.34
CA ASP A 138 9.51 -17.73 -12.84
C ASP A 138 10.61 -17.13 -11.88
N GLN A 139 10.54 -15.82 -11.60
CA GLN A 139 11.45 -15.21 -10.58
C GLN A 139 10.83 -15.35 -9.19
N ALA A 140 9.56 -15.77 -9.08
CA ALA A 140 8.81 -15.78 -7.78
C ALA A 140 8.29 -17.18 -7.49
N GLU A 141 8.44 -17.68 -6.28
CA GLU A 141 7.77 -18.92 -5.94
C GLU A 141 6.25 -18.64 -5.85
N HIS A 142 5.86 -17.61 -5.10
CA HIS A 142 4.41 -17.35 -4.90
C HIS A 142 3.85 -16.32 -5.85
N LEU A 143 2.60 -16.52 -6.26
CA LEU A 143 1.95 -15.59 -7.14
C LEU A 143 1.90 -14.19 -6.53
N LYS A 144 1.72 -14.05 -5.19
CA LYS A 144 1.61 -12.68 -4.66
C LYS A 144 2.87 -11.84 -4.94
N THR A 145 4.08 -12.46 -4.90
CA THR A 145 5.30 -11.73 -5.35
C THR A 145 5.28 -11.28 -6.80
N ALA A 146 4.91 -12.19 -7.71
CA ALA A 146 4.82 -11.86 -9.10
C ALA A 146 3.84 -10.70 -9.35
N VAL A 147 2.69 -10.74 -8.62
CA VAL A 147 1.72 -9.63 -8.79
C VAL A 147 2.32 -8.30 -8.31
N GLN A 148 3.03 -8.29 -7.17
CA GLN A 148 3.67 -7.05 -6.71
C GLN A 148 4.77 -6.59 -7.69
N MET A 149 5.52 -7.53 -8.27
CA MET A 149 6.52 -7.15 -9.30
C MET A 149 5.77 -6.51 -10.48
N ALA A 150 4.61 -7.08 -10.85
CA ALA A 150 3.83 -6.47 -11.96
C ALA A 150 3.26 -5.09 -11.64
N VAL A 151 2.79 -4.89 -10.40
CA VAL A 151 2.36 -3.54 -9.97
C VAL A 151 3.59 -2.59 -10.14
N PHE A 152 4.76 -3.04 -9.71
CA PHE A 152 5.90 -2.16 -9.71
C PHE A 152 6.18 -1.77 -11.22
N ILE A 153 6.24 -2.77 -12.04
CA ILE A 153 6.59 -2.50 -13.48
C ILE A 153 5.54 -1.61 -14.12
N HIS A 154 4.27 -1.93 -13.90
CA HIS A 154 3.18 -1.10 -14.46
C HIS A 154 3.28 0.37 -14.06
N ASN A 155 3.42 0.63 -12.75
CA ASN A 155 3.43 1.98 -12.22
C ASN A 155 4.69 2.77 -12.63
N HIS A 156 5.77 2.07 -12.91
CA HIS A 156 7.00 2.82 -13.26
C HIS A 156 7.17 2.98 -14.80
N LYS A 157 6.37 2.26 -15.60
CA LYS A 157 6.52 2.28 -17.11
C LYS A 157 6.29 3.66 -17.71
N ARG A 158 7.26 4.19 -18.47
CA ARG A 158 7.03 5.47 -19.09
C ARG A 158 6.30 5.27 -20.42
N LYS A 159 5.25 6.02 -20.64
CA LYS A 159 4.39 5.74 -21.80
C LYS A 159 4.43 6.92 -22.76
N GLY A 164 7.70 11.75 -21.82
CA GLY A 164 6.48 11.10 -21.21
C GLY A 164 6.66 10.54 -19.80
N TYR A 165 5.54 10.44 -19.09
CA TYR A 165 5.53 10.25 -17.65
C TYR A 165 5.06 8.80 -17.33
N SER A 166 5.39 8.34 -16.12
CA SER A 166 4.86 7.03 -15.66
C SER A 166 3.48 7.24 -14.98
N ALA A 167 2.75 6.14 -14.73
CA ALA A 167 1.48 6.28 -13.94
C ALA A 167 1.78 6.86 -12.55
N GLY A 168 2.86 6.39 -11.93
CA GLY A 168 3.21 6.85 -10.56
C GLY A 168 3.57 8.32 -10.56
N GLU A 169 4.24 8.80 -11.65
CA GLU A 169 4.41 10.27 -11.75
C GLU A 169 3.10 11.02 -11.94
N ARG A 170 2.22 10.49 -12.79
CA ARG A 170 0.97 11.15 -13.08
C ARG A 170 0.13 11.27 -11.86
N ILE A 171 0.02 10.17 -11.07
CA ILE A 171 -0.92 10.31 -9.91
C ILE A 171 -0.42 11.38 -8.89
N VAL A 172 0.87 11.39 -8.57
CA VAL A 172 1.44 12.44 -7.68
C VAL A 172 1.22 13.88 -8.21
N ASP A 173 1.43 14.07 -9.53
CA ASP A 173 1.19 15.40 -10.18
CA ASP A 173 1.22 15.39 -10.14
C ASP A 173 -0.27 15.80 -10.05
N ILE A 174 -1.17 14.86 -10.31
CA ILE A 174 -2.58 15.15 -10.26
C ILE A 174 -2.98 15.55 -8.87
N ILE A 175 -2.55 14.78 -7.87
CA ILE A 175 -3.00 15.07 -6.55
C ILE A 175 -2.38 16.33 -6.02
N ALA A 176 -1.10 16.57 -6.35
CA ALA A 176 -0.40 17.76 -5.79
C ALA A 176 -1.09 19.03 -6.35
N THR A 177 -1.46 18.96 -7.60
CA THR A 177 -2.12 20.05 -8.30
C THR A 177 -3.42 20.34 -7.56
N ASP A 178 -4.19 19.30 -7.23
CA ASP A 178 -5.43 19.40 -6.44
C ASP A 178 -5.20 20.03 -5.05
N ILE A 179 -4.16 19.60 -4.33
CA ILE A 179 -3.91 20.11 -2.98
C ILE A 179 -3.64 21.62 -3.03
N GLN A 180 -3.03 22.09 -4.12
CA GLN A 180 -2.51 23.48 -4.28
C GLN A 180 -3.59 24.51 -4.60
N SER B 28 16.46 13.03 -0.59
CA SER B 28 15.34 13.29 0.40
C SER B 28 13.83 12.97 0.02
N PRO B 29 13.33 13.30 -1.20
CA PRO B 29 12.02 12.70 -1.56
C PRO B 29 11.98 11.18 -1.54
N GLY B 30 13.13 10.54 -1.74
CA GLY B 30 13.18 9.05 -1.93
C GLY B 30 13.57 8.26 -0.67
N ILE B 31 13.68 8.91 0.50
CA ILE B 31 14.30 8.20 1.66
C ILE B 31 13.24 7.71 2.64
N TRP B 32 13.27 6.42 3.00
CA TRP B 32 12.32 5.83 3.91
C TRP B 32 13.10 5.10 5.01
N GLN B 33 12.43 4.90 6.13
CA GLN B 33 13.05 4.26 7.34
CA GLN B 33 13.07 4.24 7.30
C GLN B 33 12.11 3.14 7.73
N LEU B 34 12.63 1.94 7.92
CA LEU B 34 11.80 0.84 8.40
C LEU B 34 11.77 0.89 9.91
N ASP B 35 10.73 0.35 10.50
CA ASP B 35 10.56 0.44 11.98
C ASP B 35 9.69 -0.77 12.38
N CYS B 36 10.03 -1.51 13.44
CA CYS B 36 9.30 -2.76 13.71
C CYS B 36 8.85 -2.56 15.16
N THR B 37 7.59 -2.73 15.45
CA THR B 37 7.08 -2.56 16.84
C THR B 37 6.20 -3.78 17.16
N HIS B 38 5.93 -4.08 18.44
CA HIS B 38 5.17 -5.26 18.78
C HIS B 38 3.89 -4.92 19.51
N LEU B 39 2.84 -5.70 19.27
CA LEU B 39 1.60 -5.54 20.00
C LEU B 39 0.85 -6.83 19.97
N GLU B 40 0.19 -7.21 21.08
CA GLU B 40 -0.68 -8.41 21.04
C GLU B 40 0.02 -9.69 20.59
N GLY B 41 1.34 -9.76 20.85
CA GLY B 41 2.07 -10.97 20.50
C GLY B 41 2.42 -10.98 19.02
N LYS B 42 2.19 -9.86 18.34
CA LYS B 42 2.41 -9.83 16.88
C LYS B 42 3.34 -8.67 16.58
N VAL B 43 3.76 -8.58 15.33
CA VAL B 43 4.74 -7.59 14.92
C VAL B 43 4.08 -6.64 13.93
N ILE B 44 4.28 -5.34 14.13
CA ILE B 44 3.73 -4.36 13.17
C ILE B 44 4.99 -3.84 12.47
N LEU B 45 5.11 -4.04 11.14
CA LEU B 45 6.23 -3.51 10.39
C LEU B 45 5.78 -2.19 9.75
N VAL B 46 6.57 -1.12 9.90
CA VAL B 46 6.20 0.19 9.43
C VAL B 46 7.31 0.72 8.55
N ALA B 47 6.94 1.39 7.47
CA ALA B 47 7.86 2.19 6.68
C ALA B 47 7.48 3.64 6.80
N VAL B 48 8.45 4.49 7.21
CA VAL B 48 8.19 5.93 7.32
C VAL B 48 8.94 6.69 6.25
N HIS B 49 8.21 7.55 5.53
CA HIS B 49 8.82 8.48 4.64
C HIS B 49 9.37 9.67 5.44
N VAL B 50 10.67 9.73 5.54
CA VAL B 50 11.34 10.56 6.61
C VAL B 50 10.96 12.03 6.50
N ALA B 51 10.98 12.56 5.30
CA ALA B 51 10.74 14.04 5.14
C ALA B 51 9.28 14.45 5.43
N SER B 52 8.29 13.56 5.23
CA SER B 52 6.90 13.92 5.51
C SER B 52 6.30 13.30 6.74
N GLY B 53 6.86 12.21 7.24
CA GLY B 53 6.22 11.45 8.32
C GLY B 53 5.08 10.52 7.84
N TYR B 54 4.86 10.44 6.53
CA TYR B 54 3.78 9.53 6.03
C TYR B 54 4.23 8.08 6.30
N ILE B 55 3.29 7.18 6.57
CA ILE B 55 3.61 5.75 6.79
C ILE B 55 2.79 4.75 5.99
N GLU B 56 3.37 3.56 5.79
CA GLU B 56 2.60 2.36 5.41
C GLU B 56 2.98 1.31 6.47
N ALA B 57 2.05 0.35 6.74
CA ALA B 57 2.36 -0.59 7.80
C ALA B 57 1.61 -1.88 7.53
N GLU B 58 2.11 -2.98 8.13
CA GLU B 58 1.40 -4.26 8.04
CA GLU B 58 1.41 -4.24 8.03
C GLU B 58 1.60 -5.01 9.32
N VAL B 59 0.70 -5.94 9.58
CA VAL B 59 0.90 -6.88 10.69
C VAL B 59 1.42 -8.20 10.12
N ILE B 60 2.49 -8.71 10.69
CA ILE B 60 3.07 -10.08 10.33
C ILE B 60 3.29 -10.91 11.63
N PRO B 61 3.34 -12.27 11.54
CA PRO B 61 3.45 -13.06 12.77
C PRO B 61 4.78 -12.81 13.44
N ALA B 62 5.84 -12.67 12.61
CA ALA B 62 7.20 -12.44 13.14
C ALA B 62 8.00 -11.70 12.07
N GLU B 63 9.09 -11.00 12.43
N GLU B 63 9.00 -10.92 12.47
CA GLU B 63 9.85 -10.22 11.43
CA GLU B 63 9.81 -10.29 11.46
C GLU B 63 11.00 -10.92 10.72
C GLU B 63 10.72 -11.38 10.94
N THR B 64 10.72 -11.59 9.61
CA THR B 64 11.72 -12.44 8.90
C THR B 64 12.21 -11.65 7.71
N GLY B 65 13.36 -12.03 7.14
CA GLY B 65 13.81 -11.36 5.93
C GLY B 65 12.78 -11.55 4.79
N GLN B 66 12.17 -12.73 4.65
CA GLN B 66 11.13 -12.90 3.59
C GLN B 66 9.94 -11.90 3.74
N GLU B 67 9.43 -11.72 4.95
CA GLU B 67 8.30 -10.73 5.18
C GLU B 67 8.79 -9.33 4.93
N THR B 68 10.02 -9.03 5.39
CA THR B 68 10.55 -7.65 5.18
C THR B 68 10.73 -7.38 3.69
N ALA B 69 11.25 -8.37 2.98
CA ALA B 69 11.51 -8.23 1.52
C ALA B 69 10.22 -7.98 0.76
N TYR B 70 9.19 -8.76 1.11
CA TYR B 70 7.90 -8.59 0.40
C TYR B 70 7.30 -7.22 0.68
N PHE B 71 7.38 -6.80 1.95
CA PHE B 71 6.87 -5.48 2.32
C PHE B 71 7.58 -4.37 1.52
N LEU B 72 8.92 -4.44 1.35
CA LEU B 72 9.63 -3.39 0.62
C LEU B 72 9.27 -3.44 -0.91
N LEU B 73 9.03 -4.66 -1.44
CA LEU B 73 8.63 -4.80 -2.88
C LEU B 73 7.31 -4.07 -3.01
N LYS B 74 6.37 -4.32 -2.09
CA LYS B 74 5.08 -3.60 -2.13
CA LYS B 74 5.08 -3.59 -2.16
C LYS B 74 5.28 -2.07 -2.09
N LEU B 75 6.04 -1.63 -1.09
CA LEU B 75 6.21 -0.17 -0.92
C LEU B 75 6.77 0.45 -2.22
N ALA B 76 7.85 -0.15 -2.75
CA ALA B 76 8.57 0.43 -3.89
C ALA B 76 7.75 0.40 -5.20
N GLY B 77 6.74 -0.50 -5.30
CA GLY B 77 5.82 -0.43 -6.46
C GLY B 77 4.81 0.70 -6.31
N ARG B 78 4.64 1.25 -5.09
CA ARG B 78 3.63 2.29 -4.84
C ARG B 78 4.18 3.72 -4.73
N TRP B 79 5.43 3.91 -4.26
CA TRP B 79 6.11 5.22 -4.16
C TRP B 79 7.52 5.11 -4.69
N PRO B 80 8.17 6.26 -5.06
CA PRO B 80 9.54 6.12 -5.66
C PRO B 80 10.58 6.00 -4.56
N VAL B 81 10.79 4.77 -4.08
CA VAL B 81 11.66 4.50 -2.98
C VAL B 81 13.13 4.47 -3.48
N LYS B 82 13.95 5.46 -3.09
CA LYS B 82 15.33 5.44 -3.54
C LYS B 82 16.23 4.77 -2.51
N THR B 83 16.02 5.08 -1.23
CA THR B 83 16.86 4.57 -0.16
C THR B 83 16.03 4.04 0.98
N VAL B 84 16.38 2.88 1.51
CA VAL B 84 15.72 2.40 2.73
CA VAL B 84 15.71 2.44 2.76
C VAL B 84 16.71 2.26 3.86
N HIS B 85 16.47 2.94 4.99
CA HIS B 85 17.26 2.64 6.21
C HIS B 85 16.61 1.49 6.95
N THR B 86 17.33 0.36 7.04
CA THR B 86 16.72 -0.86 7.59
CA THR B 86 16.73 -0.83 7.55
C THR B 86 16.59 -0.68 9.10
N ASP B 87 15.69 -1.46 9.72
CA ASP B 87 15.36 -1.23 11.15
C ASP B 87 16.32 -1.93 12.10
N ASN B 88 17.14 -2.88 11.62
CA ASN B 88 18.05 -3.65 12.55
C ASN B 88 19.09 -4.33 11.65
N GLY B 89 20.09 -4.94 12.28
CA GLY B 89 21.17 -5.54 11.51
C GLY B 89 20.75 -6.84 10.81
N SER B 90 19.75 -7.56 11.32
CA SER B 90 19.34 -8.82 10.73
C SER B 90 18.70 -8.53 9.32
N ASN B 91 17.84 -7.52 9.21
CA ASN B 91 17.28 -7.15 7.89
C ASN B 91 18.32 -6.45 7.06
N PHE B 92 19.27 -5.76 7.64
CA PHE B 92 20.39 -5.24 6.81
C PHE B 92 21.20 -6.41 6.18
N THR B 93 21.47 -7.45 6.98
CA THR B 93 22.28 -8.59 6.53
C THR B 93 21.51 -9.51 5.54
N SER B 94 20.23 -9.70 5.78
CA SER B 94 19.40 -10.69 5.14
C SER B 94 19.61 -10.67 3.61
N THR B 95 19.93 -11.83 3.03
N THR B 95 19.95 -11.83 3.02
CA THR B 95 20.15 -11.77 1.58
CA THR B 95 20.16 -11.84 1.55
C THR B 95 18.80 -11.64 0.83
C THR B 95 18.81 -11.69 0.81
N THR B 96 17.72 -12.14 1.44
CA THR B 96 16.39 -11.95 0.85
C THR B 96 16.01 -10.48 0.77
N VAL B 97 16.23 -9.74 1.88
CA VAL B 97 16.02 -8.32 1.83
C VAL B 97 16.94 -7.66 0.78
N LYS B 98 18.21 -8.04 0.72
CA LYS B 98 19.07 -7.41 -0.30
C LYS B 98 18.61 -7.76 -1.74
N ALA B 99 18.11 -8.96 -1.92
CA ALA B 99 17.58 -9.37 -3.26
C ALA B 99 16.33 -8.52 -3.60
N ALA B 100 15.44 -8.23 -2.64
CA ALA B 100 14.27 -7.36 -2.97
C ALA B 100 14.74 -5.97 -3.27
N CYS B 101 15.76 -5.49 -2.53
CA CYS B 101 16.18 -4.08 -2.74
C CYS B 101 16.84 -4.01 -4.18
N TRP B 102 17.60 -5.04 -4.52
CA TRP B 102 18.18 -5.10 -5.88
C TRP B 102 17.03 -5.09 -6.89
N TRP B 103 16.03 -5.97 -6.71
CA TRP B 103 14.97 -6.12 -7.74
C TRP B 103 14.26 -4.79 -7.94
N ALA B 104 13.95 -4.12 -6.80
CA ALA B 104 13.13 -2.91 -6.87
C ALA B 104 13.98 -1.64 -7.08
N GLY B 105 15.33 -1.75 -7.21
CA GLY B 105 16.13 -0.52 -7.42
C GLY B 105 16.32 0.35 -6.16
N ILE B 106 16.38 -0.29 -4.99
CA ILE B 106 16.44 0.45 -3.75
C ILE B 106 17.86 0.33 -3.21
N LYS B 107 18.43 1.44 -2.76
CA LYS B 107 19.71 1.45 -2.04
CA LYS B 107 19.73 1.41 -2.05
C LYS B 107 19.44 1.04 -0.58
N GLN B 108 19.90 -0.12 -0.16
CA GLN B 108 19.67 -0.52 1.22
C GLN B 108 20.76 0.07 2.11
N GLU B 109 20.40 0.75 3.19
CA GLU B 109 21.39 1.33 4.07
C GLU B 109 21.15 0.85 5.52
N ASP B 110 22.09 1.15 6.43
CA ASP B 110 21.87 0.83 7.87
C ASP B 110 20.89 1.85 8.49
N GLY B 111 20.56 1.78 9.79
CA GLY B 111 19.57 2.71 10.38
C GLY B 111 20.18 3.34 11.61
N ILE B 112 21.50 3.33 11.61
N ILE B 112 21.51 3.36 11.62
CA ILE B 112 22.29 3.98 12.67
CA ILE B 112 22.26 3.99 12.71
C ILE B 112 21.83 5.46 12.85
C ILE B 112 21.86 5.45 12.86
N PRO B 113 21.42 5.85 14.07
CA PRO B 113 20.92 7.20 14.24
C PRO B 113 22.11 8.14 14.49
N TYR B 114 22.90 8.40 13.46
CA TYR B 114 24.00 9.37 13.52
C TYR B 114 23.47 10.71 13.99
N ASN B 115 22.19 10.95 13.67
CA ASN B 115 21.44 12.02 14.30
C ASN B 115 20.58 11.45 15.43
N PRO B 116 20.96 11.73 16.70
CA PRO B 116 20.26 11.10 17.86
C PRO B 116 18.75 11.45 17.85
N GLN B 117 18.42 12.58 17.19
CA GLN B 117 17.00 12.96 16.96
C GLN B 117 16.16 11.82 16.33
N SER B 118 16.77 10.98 15.48
CA SER B 118 16.12 9.81 14.85
C SER B 118 15.52 8.82 15.82
N GLN B 119 16.26 8.37 16.85
CA GLN B 119 15.69 7.40 17.81
C GLN B 119 14.42 8.00 18.38
N GLY B 120 14.50 9.27 18.82
CA GLY B 120 13.39 9.96 19.47
C GLY B 120 12.14 9.99 18.60
N VAL B 121 12.31 10.27 17.31
CA VAL B 121 11.19 10.51 16.41
C VAL B 121 10.46 9.15 16.22
N ILE B 122 11.23 8.07 16.02
N ILE B 122 11.23 8.07 16.03
CA ILE B 122 10.65 6.73 15.83
CA ILE B 122 10.61 6.74 15.81
C ILE B 122 9.87 6.26 17.08
C ILE B 122 9.88 6.24 17.07
N GLU B 123 10.47 6.48 18.24
CA GLU B 123 9.88 6.02 19.52
C GLU B 123 8.55 6.76 19.68
N SER B 124 8.55 8.05 19.36
CA SER B 124 7.34 8.86 19.51
C SER B 124 6.35 8.38 18.49
N MET B 125 6.77 8.10 17.27
N MET B 125 6.84 8.08 17.28
CA MET B 125 5.81 7.56 16.30
CA MET B 125 6.04 7.45 16.21
C MET B 125 5.20 6.22 16.78
C MET B 125 5.28 6.24 16.73
N ASN B 126 6.01 5.32 17.38
CA ASN B 126 5.41 4.07 17.82
C ASN B 126 4.42 4.28 18.91
N LYS B 127 4.75 5.16 19.85
CA LYS B 127 3.78 5.46 20.94
CA LYS B 127 3.78 5.44 20.92
C LYS B 127 2.52 6.10 20.36
N GLU B 128 2.66 7.08 19.44
CA GLU B 128 1.42 7.64 18.76
C GLU B 128 0.57 6.54 18.08
N LEU B 129 1.23 5.70 17.28
N LEU B 129 1.25 5.71 17.30
CA LEU B 129 0.46 4.65 16.58
CA LEU B 129 0.61 4.62 16.57
C LEU B 129 -0.23 3.69 17.55
C LEU B 129 -0.16 3.70 17.51
N LYS B 130 0.49 3.28 18.59
CA LYS B 130 -0.16 2.42 19.56
C LYS B 130 -1.35 3.10 20.28
N LYS B 131 -1.18 4.37 20.55
CA LYS B 131 -2.33 5.14 21.09
C LYS B 131 -3.56 5.05 20.16
N ILE B 132 -3.35 5.30 18.86
CA ILE B 132 -4.44 5.33 17.88
C ILE B 132 -5.00 3.95 17.82
N ILE B 133 -4.12 2.94 17.75
CA ILE B 133 -4.62 1.58 17.67
C ILE B 133 -5.57 1.30 18.90
N GLY B 134 -5.18 1.73 20.12
CA GLY B 134 -6.09 1.50 21.29
C GLY B 134 -7.39 2.32 21.17
N GLN B 135 -7.34 3.51 20.56
CA GLN B 135 -8.57 4.27 20.32
C GLN B 135 -9.53 3.56 19.33
N VAL B 136 -9.04 2.68 18.44
CA VAL B 136 -9.94 2.07 17.43
C VAL B 136 -10.13 0.64 17.71
N ARG B 137 -9.36 0.13 18.70
CA ARG B 137 -9.16 -1.32 18.79
C ARG B 137 -10.46 -2.06 18.91
N ASP B 138 -11.45 -1.47 19.59
CA ASP B 138 -12.74 -2.16 19.78
C ASP B 138 -13.67 -2.14 18.52
N GLN B 139 -13.30 -1.37 17.51
CA GLN B 139 -14.12 -1.34 16.26
C GLN B 139 -13.68 -2.47 15.32
N ALA B 140 -12.59 -3.18 15.65
CA ALA B 140 -12.03 -4.22 14.71
C ALA B 140 -11.95 -5.56 15.44
N GLU B 141 -12.31 -6.66 14.80
CA GLU B 141 -12.05 -7.97 15.41
C GLU B 141 -10.53 -8.24 15.30
N HIS B 142 -9.94 -8.06 14.10
CA HIS B 142 -8.50 -8.41 13.92
C HIS B 142 -7.58 -7.20 14.08
N LEU B 143 -6.41 -7.39 14.69
CA LEU B 143 -5.41 -6.36 14.78
C LEU B 143 -5.09 -5.76 13.42
N LYS B 144 -5.03 -6.57 12.32
CA LYS B 144 -4.63 -5.94 11.03
C LYS B 144 -5.54 -4.77 10.60
N THR B 145 -6.83 -4.91 10.92
CA THR B 145 -7.76 -3.81 10.66
C THR B 145 -7.47 -2.58 11.45
N ALA B 146 -7.28 -2.73 12.77
CA ALA B 146 -7.00 -1.62 13.63
C ALA B 146 -5.74 -0.91 13.18
N VAL B 147 -4.74 -1.71 12.77
CA VAL B 147 -3.46 -1.06 12.28
C VAL B 147 -3.69 -0.22 11.00
N GLN B 148 -4.52 -0.73 10.08
CA GLN B 148 -4.79 0.04 8.85
C GLN B 148 -5.64 1.27 9.21
N MET B 149 -6.55 1.13 10.20
CA MET B 149 -7.30 2.33 10.64
C MET B 149 -6.30 3.34 11.21
N ALA B 150 -5.32 2.86 11.97
CA ALA B 150 -4.30 3.83 12.52
C ALA B 150 -3.40 4.44 11.47
N VAL B 151 -3.04 3.67 10.41
CA VAL B 151 -2.32 4.26 9.26
C VAL B 151 -3.22 5.42 8.70
N PHE B 152 -4.49 5.12 8.48
CA PHE B 152 -5.32 6.07 7.83
C PHE B 152 -5.36 7.40 8.75
N ILE B 153 -5.65 7.21 10.00
CA ILE B 153 -5.71 8.40 10.93
C ILE B 153 -4.39 9.14 10.96
N HIS B 154 -3.30 8.42 11.11
CA HIS B 154 -1.94 9.07 11.12
C HIS B 154 -1.70 9.89 9.85
N ASN B 155 -1.94 9.30 8.66
CA ASN B 155 -1.62 9.95 7.40
C ASN B 155 -2.53 11.13 7.11
N HIS B 156 -3.74 11.09 7.66
CA HIS B 156 -4.69 12.20 7.32
C HIS B 156 -4.67 13.34 8.36
N LYS B 157 -4.06 13.11 9.52
CA LYS B 157 -4.02 14.11 10.66
C LYS B 157 -3.33 15.43 10.28
N ARG B 158 -4.03 16.56 10.42
CA ARG B 158 -3.41 17.81 10.09
C ARG B 158 -2.69 18.31 11.35
N LYS B 159 -1.43 18.72 11.21
CA LYS B 159 -0.62 19.14 12.37
C LYS B 159 -0.20 20.60 12.20
N GLY B 164 -1.96 24.37 8.02
CA GLY B 164 -1.21 23.12 8.28
C GLY B 164 -1.63 21.90 7.47
N TYR B 165 -0.67 21.03 7.15
CA TYR B 165 -0.89 19.96 6.18
C TYR B 165 -0.86 18.60 6.90
N SER B 166 -1.40 17.58 6.22
CA SER B 166 -1.26 16.21 6.70
C SER B 166 0.05 15.59 6.14
N ALA B 167 0.46 14.45 6.74
CA ALA B 167 1.58 13.69 6.15
C ALA B 167 1.30 13.27 4.68
N GLY B 168 0.08 12.83 4.40
CA GLY B 168 -0.27 12.42 3.02
C GLY B 168 -0.18 13.60 2.08
N GLU B 169 -0.54 14.81 2.57
CA GLU B 169 -0.35 15.99 1.70
C GLU B 169 1.12 16.30 1.52
N ARG B 170 1.91 16.16 2.58
CA ARG B 170 3.32 16.53 2.49
C ARG B 170 4.04 15.59 1.55
N ILE B 171 3.75 14.29 1.65
CA ILE B 171 4.57 13.37 0.79
C ILE B 171 4.27 13.63 -0.72
N VAL B 172 3.02 13.86 -1.07
CA VAL B 172 2.68 14.13 -2.49
C VAL B 172 3.35 15.45 -3.00
N ASP B 173 3.30 16.50 -2.19
CA ASP B 173 3.93 17.79 -2.50
CA ASP B 173 3.92 17.78 -2.55
C ASP B 173 5.45 17.63 -2.66
N ILE B 174 6.08 16.90 -1.74
CA ILE B 174 7.52 16.70 -1.81
C ILE B 174 7.88 15.99 -3.11
N ILE B 175 7.18 14.89 -3.42
CA ILE B 175 7.58 14.11 -4.58
C ILE B 175 7.19 14.88 -5.84
N ALA B 176 6.05 15.59 -5.85
CA ALA B 176 5.67 16.34 -7.08
C ALA B 176 6.72 17.44 -7.34
N THR B 177 7.18 18.08 -6.29
CA THR B 177 8.21 19.09 -6.38
C THR B 177 9.45 18.47 -7.03
N ASP B 178 9.87 17.28 -6.56
CA ASP B 178 10.94 16.54 -7.14
C ASP B 178 10.74 16.18 -8.64
N ILE B 179 9.57 15.73 -9.04
CA ILE B 179 9.36 15.34 -10.44
C ILE B 179 9.48 16.55 -11.40
N GLN B 180 9.07 17.74 -10.96
CA GLN B 180 9.04 18.96 -11.84
C GLN B 180 10.44 19.53 -12.16
N SER C 1 -20.19 -9.83 14.39
CA SER C 1 -19.60 -9.61 15.72
C SER C 1 -19.67 -8.14 16.21
N ARG C 2 -20.37 -7.30 15.44
CA ARG C 2 -20.48 -5.86 15.73
C ARG C 2 -19.13 -5.12 15.49
N LYS C 3 -18.32 -5.62 14.55
CA LYS C 3 -17.00 -5.02 14.24
C LYS C 3 -17.02 -4.60 12.78
N ILE C 4 -16.26 -3.57 12.38
CA ILE C 4 -16.14 -3.14 10.96
C ILE C 4 -15.79 -4.33 10.08
N ASP C 5 -14.92 -5.20 10.61
CA ASP C 5 -14.37 -6.29 9.81
C ASP C 5 -15.13 -7.59 10.04
N ASN C 6 -16.10 -7.55 10.94
CA ASN C 6 -16.96 -8.71 11.19
C ASN C 6 -18.30 -8.15 11.70
N LEU C 7 -19.16 -7.79 10.74
CA LEU C 7 -20.42 -7.08 11.11
C LEU C 7 -21.28 -7.94 12.04
N ASP C 8 -21.21 -9.26 11.80
CA ASP C 8 -21.83 -10.28 12.68
C ASP C 8 -21.46 -10.11 14.16
N SER D 1 15.17 -21.85 -3.09
CA SER D 1 14.51 -22.45 -4.22
C SER D 1 14.86 -21.71 -5.54
N ARG D 2 15.86 -20.83 -5.45
CA ARG D 2 16.31 -19.97 -6.60
C ARG D 2 15.26 -18.95 -7.07
N LYS D 3 14.46 -18.41 -6.13
CA LYS D 3 13.42 -17.42 -6.43
C LYS D 3 13.68 -16.21 -5.55
N ILE D 4 13.28 -15.00 -5.97
CA ILE D 4 13.48 -13.73 -5.18
C ILE D 4 12.84 -13.88 -3.82
N ASP D 5 11.73 -14.69 -3.78
CA ASP D 5 10.99 -14.79 -2.52
C ASP D 5 11.34 -16.07 -1.83
N ASN D 6 12.23 -16.88 -2.42
CA ASN D 6 12.72 -18.10 -1.78
C ASN D 6 14.10 -18.35 -2.36
N LEU D 7 15.10 -17.73 -1.74
CA LEU D 7 16.42 -17.75 -2.36
C LEU D 7 16.92 -19.22 -2.45
N ASP D 8 16.55 -20.01 -1.44
CA ASP D 8 16.82 -21.47 -1.38
C ASP D 8 16.38 -22.21 -2.64
S SO4 E . -10.78 -12.66 -15.70
O1 SO4 E . -11.39 -13.26 -16.88
O2 SO4 E . -9.73 -13.53 -15.25
O3 SO4 E . -10.36 -11.29 -16.06
O4 SO4 E . -11.64 -12.66 -14.52
S SO4 F . 1.25 -19.57 -4.29
O1 SO4 F . 1.27 -19.14 -5.66
O2 SO4 F . 0.07 -20.40 -4.18
O3 SO4 F . 2.45 -20.30 -3.99
O4 SO4 F . 1.13 -18.51 -3.29
S SO4 G . -20.92 -9.15 3.40
O1 SO4 G . -20.32 -8.96 2.08
O2 SO4 G . -22.26 -9.62 3.46
O3 SO4 G . -19.96 -10.09 4.02
O4 SO4 G . -21.33 -7.94 4.10
S SO4 H . -3.05 -2.45 -0.95
O1 SO4 H . -2.43 -2.71 -2.24
O2 SO4 H . -4.20 -1.40 -1.12
O3 SO4 H . -3.55 -3.70 -0.51
O4 SO4 H . -1.96 -2.05 -0.03
CL CL I . -14.11 -15.18 -6.21
C ACY J . 6.42 4.62 -8.55
O ACY J . 7.12 5.55 -8.21
OXT ACY J . 5.94 3.79 -7.76
CH3 ACY J . 6.13 4.56 -10.00
C ACY K . -1.90 -7.16 4.32
O ACY K . -2.08 -6.14 5.09
OXT ACY K . -0.92 -8.04 4.54
CH3 ACY K . -2.81 -7.48 3.15
C ACY L . -0.69 -8.55 1.06
O ACY L . -0.22 -8.39 -0.14
OXT ACY L . -1.88 -9.09 1.30
CH3 ACY L . 0.15 -8.23 2.28
S SO4 M . 8.35 -2.29 20.77
O1 SO4 M . 7.08 -2.96 20.88
O2 SO4 M . 9.04 -3.25 19.90
O3 SO4 M . 8.33 -0.93 20.19
O4 SO4 M . 9.01 -2.10 22.07
S SO4 N . -6.10 -11.21 15.25
O1 SO4 N . -7.50 -11.64 15.20
O2 SO4 N . -5.68 -11.09 13.85
O3 SO4 N . -5.93 -9.99 16.03
O4 SO4 N . -5.18 -12.19 15.81
S SO4 O . 17.13 -14.52 4.85
O1 SO4 O . 18.34 -15.12 5.28
O2 SO4 O . 17.78 -14.18 3.57
O3 SO4 O . 15.89 -15.35 4.82
O4 SO4 O . 16.75 -13.41 5.73
S SO4 P . 2.18 -2.06 2.13
O1 SO4 P . 3.61 -1.60 1.75
O2 SO4 P . 1.24 -1.87 0.99
O3 SO4 P . 2.12 -3.41 2.55
O4 SO4 P . 1.76 -1.30 3.29
CL CL Q . 9.98 -10.99 15.36
C ACY R . -1.69 10.99 -0.04
O ACY R . -0.99 10.17 -0.74
OXT ACY R . -1.91 12.23 -0.26
CH3 ACY R . -2.35 10.37 1.15
#